data_4BE4
#
_entry.id   4BE4
#
_cell.length_a   119.274
_cell.length_b   119.274
_cell.length_c   206.774
_cell.angle_alpha   90.00
_cell.angle_beta   90.00
_cell.angle_gamma   120.00
#
_symmetry.space_group_name_H-M   'P 63 2 2'
#
loop_
_entity.id
_entity.type
_entity.pdbx_description
1 polymer 'STEROL ESTERASE'
2 non-polymer 2-acetamido-2-deoxy-beta-D-glucopyranose
3 non-polymer '1,4-DIETHYLENE DIOXIDE'
4 non-polymer '2-(N-MORPHOLINO)-ETHANESULFONIC ACID'
5 non-polymer GLYCEROL
6 non-polymer 'SULFATE ION'
7 water water
#
_entity_poly.entity_id   1
_entity_poly.type   'polypeptide(L)'
_entity_poly.pdbx_seq_one_letter_code
;EAEAYVEFTTVNVNYPEGEVVGVSVLGIESFRGVPFAQPPVGNLRLKPPVRYTENIGTKDTTGIGPSCPQMYLSTGNGEL
LFQLVGNLINIPLFQTATLSSEDCLTLNIQRPAGTTSNSSLPVLFWIFGGGFELGTNQYYDGIDLLTEGISLGEPFIFVA
INYRVGGFGFLGGKEIKADGSSNLGLLDQRIALEWVADNIASFGGDPSKVTIWGESAGSISVFDQMALYGGNNKYKGKAL
FRGGIMNSGSVVPAAPVDGVKAQAIYDHVVSEAGCAGTSDTLACLRTVDYTKFLTAVNSVPGIVSYSSIALSYLPRPDGV
VLIDSPEEIVKNKQYAAVPMIIGDQEDEGTLFAVLPNNITSTAKIVQYFQDLYFYNATKEQLTAFVNTYPTDITAGSPFN
TGIFNELYPGFKRLAAILGDMTFTLARRAFLQLCSEVNPDVPSWSYLASYDYGFPFLGTFHATDILQVFYGVLPNYASGS
IQKYYINFVTTGDPNKGAAVDIQWPQWSAKKNILQIYATKAVIVADNFRAKSYEYLYNNIGIFRI
;
_entity_poly.pdbx_strand_id   A
#
loop_
_chem_comp.id
_chem_comp.type
_chem_comp.name
_chem_comp.formula
DIO non-polymer '1,4-DIETHYLENE DIOXIDE' 'C4 H8 O2'
GOL non-polymer GLYCEROL 'C3 H8 O3'
MES non-polymer '2-(N-MORPHOLINO)-ETHANESULFONIC ACID' 'C6 H13 N O4 S'
NAG D-saccharide, beta linking 2-acetamido-2-deoxy-beta-D-glucopyranose 'C8 H15 N O6'
SO4 non-polymer 'SULFATE ION' 'O4 S -2'
#
# COMPACT_ATOMS: atom_id res chain seq x y z
N GLU A 7 35.42 2.60 2.66
CA GLU A 7 34.86 3.79 3.27
C GLU A 7 33.69 3.44 4.21
N PHE A 8 33.75 2.24 4.80
CA PHE A 8 32.67 1.78 5.66
C PHE A 8 33.14 1.03 6.93
N THR A 9 32.20 0.85 7.86
CA THR A 9 32.46 0.07 9.06
C THR A 9 31.19 -0.63 9.54
N THR A 10 31.35 -1.64 10.38
CA THR A 10 30.19 -2.29 10.97
C THR A 10 29.83 -1.61 12.30
N VAL A 11 28.64 -1.90 12.78
CA VAL A 11 28.13 -1.27 13.99
C VAL A 11 27.11 -2.20 14.64
N ASN A 12 27.26 -2.40 15.95
CA ASN A 12 26.39 -3.32 16.68
C ASN A 12 25.34 -2.57 17.46
N VAL A 13 24.10 -3.06 17.45
CA VAL A 13 23.10 -2.55 18.38
C VAL A 13 22.58 -3.69 19.26
N ASN A 14 22.65 -3.48 20.56
CA ASN A 14 22.07 -4.43 21.51
C ASN A 14 20.70 -3.94 21.91
N TYR A 15 19.70 -4.80 21.81
CA TYR A 15 18.35 -4.36 22.11
C TYR A 15 17.61 -5.48 22.88
N PRO A 16 16.41 -5.20 23.41
CA PRO A 16 15.83 -6.15 24.39
C PRO A 16 15.62 -7.58 23.88
N GLU A 17 15.52 -7.79 22.56
CA GLU A 17 15.29 -9.13 22.04
C GLU A 17 16.54 -9.81 21.49
N GLY A 18 17.61 -9.05 21.29
CA GLY A 18 18.85 -9.64 20.83
C GLY A 18 19.91 -8.62 20.48
N GLU A 19 20.80 -8.98 19.57
CA GLU A 19 21.80 -8.04 19.07
C GLU A 19 21.95 -8.14 17.55
N VAL A 20 22.01 -7.00 16.87
CA VAL A 20 22.26 -7.02 15.43
C VAL A 20 23.57 -6.32 15.02
N VAL A 21 24.20 -6.86 13.98
CA VAL A 21 25.34 -6.21 13.35
C VAL A 21 24.91 -5.56 12.04
N GLY A 22 25.09 -4.24 11.95
CA GLY A 22 24.77 -3.51 10.74
C GLY A 22 25.98 -2.87 10.06
N VAL A 23 25.73 -2.18 8.97
CA VAL A 23 26.81 -1.58 8.20
C VAL A 23 26.65 -0.06 8.12
N SER A 24 27.74 0.66 8.37
CA SER A 24 27.77 2.11 8.25
C SER A 24 28.55 2.54 7.01
N VAL A 25 27.87 3.20 6.09
CA VAL A 25 28.49 3.71 4.87
C VAL A 25 27.73 4.96 4.40
N LEU A 26 28.44 5.93 3.83
CA LEU A 26 27.83 7.17 3.35
C LEU A 26 27.06 7.95 4.42
N GLY A 27 27.48 7.84 5.68
CA GLY A 27 26.84 8.56 6.76
C GLY A 27 25.57 7.94 7.33
N ILE A 28 25.20 6.76 6.85
CA ILE A 28 23.99 6.09 7.32
C ILE A 28 24.34 4.73 7.89
N GLU A 29 23.81 4.40 9.07
CA GLU A 29 23.93 3.05 9.61
C GLU A 29 22.66 2.23 9.28
N SER A 30 22.86 1.08 8.64
CA SER A 30 21.75 0.24 8.19
C SER A 30 21.77 -1.16 8.78
N PHE A 31 20.62 -1.60 9.28
CA PHE A 31 20.43 -2.95 9.76
C PHE A 31 19.31 -3.62 8.96
N ARG A 32 19.68 -4.49 8.02
CA ARG A 32 18.70 -5.13 7.15
C ARG A 32 18.45 -6.59 7.49
N GLY A 33 17.20 -6.91 7.79
CA GLY A 33 16.79 -8.28 8.07
C GLY A 33 16.63 -8.57 9.55
N VAL A 34 16.35 -7.54 10.33
CA VAL A 34 16.07 -7.69 11.75
C VAL A 34 14.76 -8.47 11.92
N PRO A 35 14.85 -9.70 12.44
CA PRO A 35 13.65 -10.55 12.59
C PRO A 35 12.72 -9.96 13.64
N PHE A 36 11.43 -9.81 13.34
CA PHE A 36 10.54 -9.19 14.32
C PHE A 36 9.48 -10.11 14.88
N ALA A 37 9.35 -11.29 14.29
CA ALA A 37 8.43 -12.31 14.77
C ALA A 37 8.93 -13.69 14.33
N GLN A 38 8.40 -14.73 14.96
CA GLN A 38 8.80 -16.10 14.66
C GLN A 38 8.48 -16.42 13.21
N PRO A 39 9.40 -17.16 12.55
CA PRO A 39 9.25 -17.58 11.15
C PRO A 39 7.93 -18.31 10.97
N PRO A 40 7.03 -17.77 10.13
CA PRO A 40 5.70 -18.37 9.95
C PRO A 40 5.77 -19.65 9.12
N VAL A 41 6.42 -20.67 9.68
CA VAL A 41 6.64 -21.92 8.98
C VAL A 41 6.08 -23.08 9.78
N GLY A 42 5.99 -24.24 9.14
CA GLY A 42 5.48 -25.41 9.81
C GLY A 42 4.07 -25.19 10.32
N ASN A 43 3.88 -25.35 11.61
CA ASN A 43 2.55 -25.20 12.18
C ASN A 43 2.22 -23.74 12.44
N LEU A 44 3.03 -22.84 11.86
CA LEU A 44 2.80 -21.41 11.96
C LEU A 44 2.47 -20.75 10.61
N ARG A 45 2.52 -21.55 9.54
CA ARG A 45 2.03 -21.11 8.24
C ARG A 45 0.51 -21.00 8.35
N LEU A 46 -0.05 -19.92 7.79
CA LEU A 46 -1.48 -19.62 7.88
C LEU A 46 -1.96 -19.49 9.33
N LYS A 47 -1.11 -18.91 10.16
CA LYS A 47 -1.46 -18.56 11.53
C LYS A 47 -0.99 -17.12 11.75
N PRO A 48 -1.58 -16.43 12.73
CA PRO A 48 -1.09 -15.09 13.12
C PRO A 48 0.39 -15.12 13.49
N PRO A 49 1.12 -14.01 13.25
CA PRO A 49 2.51 -13.96 13.69
C PRO A 49 2.57 -13.90 15.21
N VAL A 50 3.61 -14.48 15.79
CA VAL A 50 3.81 -14.42 17.23
C VAL A 50 5.22 -13.89 17.53
N ARG A 51 5.31 -12.98 18.48
CA ARG A 51 6.59 -12.44 18.92
C ARG A 51 7.54 -13.54 19.41
N TYR A 52 8.83 -13.31 19.31
CA TYR A 52 9.83 -14.18 19.93
C TYR A 52 9.65 -14.19 21.44
N THR A 53 9.80 -15.36 22.05
CA THR A 53 9.63 -15.48 23.51
C THR A 53 10.97 -15.48 24.24
N GLU A 54 12.07 -15.41 23.49
CA GLU A 54 13.39 -15.43 24.08
C GLU A 54 14.42 -14.85 23.14
N ASN A 55 15.53 -14.40 23.70
CA ASN A 55 16.62 -13.78 22.97
C ASN A 55 17.05 -14.58 21.73
N ILE A 56 17.28 -13.87 20.64
CA ILE A 56 17.66 -14.53 19.39
C ILE A 56 19.17 -14.50 19.17
N GLY A 57 19.92 -14.12 20.20
CA GLY A 57 21.36 -14.05 20.12
C GLY A 57 21.81 -12.91 19.23
N THR A 58 22.92 -13.12 18.53
CA THR A 58 23.48 -12.08 17.68
C THR A 58 23.30 -12.39 16.20
N LYS A 59 22.60 -11.49 15.52
CA LYS A 59 22.18 -11.69 14.14
C LYS A 59 23.00 -10.84 13.15
N ASP A 60 23.41 -11.45 12.04
CA ASP A 60 24.11 -10.76 10.96
C ASP A 60 23.07 -10.10 10.03
N THR A 61 23.05 -8.77 10.05
CA THR A 61 22.11 -7.98 9.25
C THR A 61 22.85 -7.00 8.33
N THR A 62 23.98 -7.46 7.81
CA THR A 62 24.80 -6.67 6.90
C THR A 62 24.42 -6.93 5.44
N GLY A 63 23.59 -7.93 5.20
CA GLY A 63 23.19 -8.26 3.84
C GLY A 63 21.91 -7.54 3.48
N ILE A 64 21.21 -8.04 2.47
CA ILE A 64 19.82 -7.63 2.29
C ILE A 64 18.99 -8.73 2.95
N GLY A 65 17.79 -8.39 3.38
CA GLY A 65 17.00 -9.40 4.05
C GLY A 65 16.35 -10.40 3.09
N PRO A 66 15.55 -11.31 3.64
CA PRO A 66 14.77 -12.19 2.78
C PRO A 66 13.53 -11.43 2.28
N SER A 67 12.81 -12.01 1.32
CA SER A 67 11.50 -11.51 0.95
C SER A 67 10.51 -12.62 1.22
N CYS A 68 9.23 -12.25 1.27
CA CYS A 68 8.16 -13.23 1.42
C CYS A 68 7.92 -13.95 0.09
N PRO A 69 7.22 -15.10 0.13
CA PRO A 69 6.92 -15.78 -1.14
C PRO A 69 6.11 -14.89 -2.09
N GLN A 70 6.43 -14.94 -3.38
CA GLN A 70 5.89 -13.99 -4.35
C GLN A 70 4.99 -14.63 -5.37
N MET A 71 4.03 -13.85 -5.84
CA MET A 71 3.26 -14.21 -7.00
C MET A 71 3.66 -13.22 -8.07
N TYR A 72 4.73 -13.54 -8.80
CA TYR A 72 5.33 -12.58 -9.72
C TYR A 72 4.38 -12.24 -10.89
N LEU A 73 4.47 -11.00 -11.36
CA LEU A 73 3.67 -10.52 -12.48
C LEU A 73 3.77 -11.44 -13.68
N SER A 74 2.62 -11.73 -14.30
CA SER A 74 2.58 -12.58 -15.48
C SER A 74 3.34 -11.92 -16.63
N THR A 75 4.34 -12.62 -17.15
CA THR A 75 5.19 -12.08 -18.20
C THR A 75 4.63 -12.36 -19.60
N GLY A 76 3.85 -13.43 -19.71
CA GLY A 76 3.17 -13.73 -20.95
C GLY A 76 2.01 -12.78 -21.15
N ASN A 77 1.35 -12.43 -20.05
CA ASN A 77 0.21 -11.53 -20.09
C ASN A 77 0.60 -10.07 -20.27
N GLY A 78 1.67 -9.65 -19.60
CA GLY A 78 2.05 -8.25 -19.57
C GLY A 78 2.99 -7.78 -20.67
N GLU A 79 3.12 -8.57 -21.73
CA GLU A 79 4.08 -8.29 -22.79
C GLU A 79 4.01 -6.85 -23.27
N LEU A 80 2.81 -6.42 -23.65
CA LEU A 80 2.59 -5.05 -24.10
C LEU A 80 2.77 -4.07 -22.96
N LEU A 81 2.21 -4.39 -21.80
CA LEU A 81 2.25 -3.50 -20.67
C LEU A 81 3.70 -3.16 -20.32
N PHE A 82 4.55 -4.18 -20.29
CA PHE A 82 5.94 -4.00 -19.93
C PHE A 82 6.75 -3.26 -21.00
N GLN A 83 6.26 -3.31 -22.24
CA GLN A 83 6.85 -2.50 -23.30
C GLN A 83 6.47 -1.04 -23.14
N LEU A 84 5.24 -0.79 -22.70
CA LEU A 84 4.72 0.56 -22.63
C LEU A 84 5.37 1.38 -21.54
N VAL A 85 5.80 0.72 -20.46
CA VAL A 85 6.49 1.40 -19.36
C VAL A 85 7.94 1.65 -19.72
N GLY A 86 8.40 1.00 -20.78
CA GLY A 86 9.79 1.04 -21.22
C GLY A 86 10.79 1.09 -20.08
N ASN A 87 11.74 1.98 -20.25
CA ASN A 87 12.65 2.51 -19.23
C ASN A 87 12.24 2.34 -17.76
N LEU A 88 10.99 2.67 -17.45
CA LEU A 88 10.51 2.70 -16.08
C LEU A 88 10.17 1.31 -15.54
N ILE A 89 10.53 0.29 -16.32
CA ILE A 89 10.40 -1.10 -15.88
C ILE A 89 11.27 -1.34 -14.64
N ASN A 90 12.22 -0.44 -14.39
CA ASN A 90 13.12 -0.56 -13.26
C ASN A 90 12.53 0.01 -11.97
N ILE A 91 11.27 0.43 -12.01
CA ILE A 91 10.53 0.78 -10.79
C ILE A 91 10.31 -0.51 -9.98
N PRO A 92 10.49 -0.43 -8.65
CA PRO A 92 10.36 -1.59 -7.74
C PRO A 92 9.13 -2.48 -7.94
N LEU A 93 7.96 -1.94 -8.27
CA LEU A 93 6.80 -2.79 -8.47
C LEU A 93 7.04 -3.85 -9.53
N PHE A 94 7.85 -3.52 -10.53
CA PHE A 94 8.06 -4.40 -11.66
C PHE A 94 9.29 -5.27 -11.44
N GLN A 95 10.04 -4.98 -10.38
CA GLN A 95 11.25 -5.74 -10.10
C GLN A 95 10.91 -7.11 -9.53
N THR A 96 11.87 -8.02 -9.64
CA THR A 96 11.78 -9.35 -9.08
C THR A 96 12.46 -9.47 -7.71
N ALA A 97 11.73 -10.00 -6.73
CA ALA A 97 12.29 -10.18 -5.40
C ALA A 97 13.30 -11.32 -5.38
N THR A 98 14.27 -11.24 -4.49
CA THR A 98 15.30 -12.27 -4.41
C THR A 98 15.27 -12.88 -3.02
N LEU A 99 15.85 -14.07 -2.88
CA LEU A 99 15.94 -14.74 -1.59
C LEU A 99 14.57 -14.89 -0.92
N SER A 100 13.57 -15.30 -1.70
CA SER A 100 12.21 -15.42 -1.18
C SER A 100 12.10 -16.69 -0.36
N SER A 101 11.23 -16.66 0.65
CA SER A 101 11.10 -17.72 1.63
C SER A 101 9.90 -17.47 2.54
N GLU A 102 9.38 -18.52 3.17
CA GLU A 102 8.38 -18.34 4.21
C GLU A 102 9.01 -17.67 5.44
N ASP A 103 10.32 -17.82 5.60
CA ASP A 103 11.02 -17.18 6.70
C ASP A 103 11.33 -15.74 6.34
N CYS A 104 10.33 -14.87 6.45
CA CYS A 104 10.45 -13.54 5.88
C CYS A 104 9.95 -12.41 6.78
N LEU A 105 9.56 -12.72 8.01
CA LEU A 105 9.05 -11.68 8.89
C LEU A 105 10.21 -10.87 9.51
N THR A 106 10.81 -10.01 8.69
CA THR A 106 11.94 -9.19 9.10
C THR A 106 11.73 -7.77 8.60
N LEU A 107 12.42 -6.83 9.22
CA LEU A 107 12.38 -5.44 8.83
C LEU A 107 13.78 -4.85 8.72
N ASN A 108 13.84 -3.65 8.15
CA ASN A 108 15.10 -2.94 8.00
C ASN A 108 15.07 -1.66 8.79
N ILE A 109 16.15 -1.37 9.49
CA ILE A 109 16.29 -0.15 10.26
C ILE A 109 17.47 0.63 9.69
N GLN A 110 17.22 1.87 9.28
CA GLN A 110 18.28 2.75 8.77
C GLN A 110 18.27 4.10 9.48
N ARG A 111 19.45 4.56 9.89
CA ARG A 111 19.57 5.76 10.72
C ARG A 111 20.84 6.58 10.45
N PRO A 112 20.83 7.86 10.82
CA PRO A 112 22.05 8.68 10.71
C PRO A 112 23.22 8.12 11.56
N ALA A 113 24.43 8.15 11.01
CA ALA A 113 25.62 7.85 11.78
C ALA A 113 25.69 8.81 12.94
N GLY A 114 25.97 8.28 14.14
CA GLY A 114 26.04 9.10 15.32
C GLY A 114 24.85 8.83 16.21
N THR A 115 23.80 8.30 15.61
CA THR A 115 22.61 7.94 16.36
C THR A 115 22.94 6.85 17.36
N THR A 116 22.61 7.09 18.62
CA THR A 116 22.78 6.10 19.67
C THR A 116 21.45 5.90 20.37
N SER A 117 21.45 5.10 21.42
CA SER A 117 20.20 4.81 22.12
C SER A 117 19.75 5.99 23.01
N ASN A 118 20.55 7.05 23.07
CA ASN A 118 20.14 8.27 23.75
C ASN A 118 19.51 9.29 22.81
N SER A 119 19.56 9.02 21.50
CA SER A 119 18.84 9.83 20.53
C SER A 119 17.36 9.47 20.62
N SER A 120 16.48 10.40 20.29
CA SER A 120 15.07 10.02 20.11
C SER A 120 14.47 10.67 18.86
N LEU A 121 14.82 10.11 17.71
CA LEU A 121 14.42 10.65 16.42
C LEU A 121 13.02 10.20 16.06
N PRO A 122 12.32 11.02 15.28
CA PRO A 122 11.03 10.55 14.72
C PRO A 122 11.27 9.38 13.82
N VAL A 123 10.30 8.46 13.78
CA VAL A 123 10.37 7.26 12.96
C VAL A 123 9.48 7.36 11.73
N LEU A 124 9.98 6.92 10.59
CA LEU A 124 9.16 6.77 9.38
C LEU A 124 9.08 5.29 9.01
N PHE A 125 7.87 4.73 9.12
CA PHE A 125 7.59 3.30 8.99
C PHE A 125 6.93 3.03 7.62
N TRP A 126 7.65 2.35 6.74
CA TRP A 126 7.26 2.17 5.35
C TRP A 126 6.66 0.79 5.02
N ILE A 127 5.44 0.79 4.47
CA ILE A 127 4.74 -0.42 4.04
C ILE A 127 4.66 -0.48 2.50
N PHE A 128 5.37 -1.44 1.91
CA PHE A 128 5.44 -1.53 0.46
C PHE A 128 4.09 -1.85 -0.20
N GLY A 129 3.98 -1.49 -1.49
CA GLY A 129 2.85 -1.89 -2.31
C GLY A 129 3.21 -3.08 -3.17
N GLY A 130 2.21 -3.79 -3.66
CA GLY A 130 2.42 -4.92 -4.54
C GLY A 130 1.15 -5.73 -4.77
N GLY A 131 0.01 -5.06 -4.72
CA GLY A 131 -1.27 -5.68 -4.97
C GLY A 131 -1.68 -6.76 -3.98
N PHE A 132 -1.08 -6.74 -2.80
CA PHE A 132 -1.28 -7.79 -1.79
C PHE A 132 -0.87 -9.19 -2.26
N GLU A 133 -0.08 -9.28 -3.32
CA GLU A 133 0.29 -10.59 -3.87
C GLU A 133 1.77 -10.72 -4.14
N LEU A 134 2.46 -9.59 -4.18
CA LEU A 134 3.91 -9.57 -4.34
C LEU A 134 4.50 -8.34 -3.62
N GLY A 135 5.81 -8.18 -3.71
CA GLY A 135 6.48 -7.04 -3.09
C GLY A 135 7.39 -7.41 -1.93
N THR A 136 8.30 -6.49 -1.60
CA THR A 136 9.25 -6.68 -0.52
C THR A 136 9.92 -5.36 -0.15
N ASN A 137 10.50 -5.29 1.05
CA ASN A 137 11.20 -4.10 1.48
C ASN A 137 12.60 -3.98 0.86
N GLN A 138 13.06 -5.06 0.23
CA GLN A 138 14.40 -5.13 -0.35
C GLN A 138 14.73 -3.98 -1.29
N TYR A 139 13.75 -3.46 -2.01
CA TYR A 139 14.08 -2.51 -3.05
C TYR A 139 13.71 -1.08 -2.70
N TYR A 140 13.47 -0.85 -1.41
CA TYR A 140 13.15 0.48 -0.93
C TYR A 140 14.18 0.93 0.10
N ASP A 141 15.28 1.50 -0.38
CA ASP A 141 16.39 1.87 0.49
C ASP A 141 16.26 3.32 1.01
N GLY A 142 16.56 3.54 2.29
CA GLY A 142 16.36 4.85 2.91
C GLY A 142 17.52 5.84 2.83
N ILE A 143 18.69 5.39 2.38
CA ILE A 143 19.89 6.23 2.38
C ILE A 143 19.75 7.63 1.75
N ASP A 144 19.24 7.71 0.53
CA ASP A 144 19.02 9.00 -0.12
C ASP A 144 18.00 9.87 0.64
N LEU A 145 16.95 9.24 1.14
CA LEU A 145 15.89 9.98 1.82
C LEU A 145 16.35 10.41 3.21
N LEU A 146 17.10 9.56 3.89
CA LEU A 146 17.68 9.92 5.18
C LEU A 146 18.66 11.08 5.02
N THR A 147 19.47 11.01 3.97
CA THR A 147 20.45 12.04 3.68
C THR A 147 19.76 13.37 3.42
N GLU A 148 18.64 13.33 2.72
CA GLU A 148 17.86 14.53 2.51
C GLU A 148 17.35 15.06 3.86
N GLY A 149 16.78 14.17 4.67
CA GLY A 149 16.31 14.53 6.00
C GLY A 149 17.40 15.20 6.81
N ILE A 150 18.58 14.59 6.85
CA ILE A 150 19.70 15.15 7.59
C ILE A 150 20.06 16.54 7.07
N SER A 151 20.05 16.71 5.74
CA SER A 151 20.44 17.98 5.12
C SER A 151 19.44 19.10 5.37
N LEU A 152 18.20 18.75 5.72
CA LEU A 152 17.17 19.74 6.06
C LEU A 152 17.22 20.14 7.53
N GLY A 153 18.16 19.59 8.28
CA GLY A 153 18.21 19.79 9.72
C GLY A 153 17.15 18.97 10.45
N GLU A 154 16.64 17.94 9.76
CA GLU A 154 15.53 17.15 10.29
C GLU A 154 15.80 15.65 10.15
N PRO A 155 16.72 15.13 10.99
CA PRO A 155 17.05 13.71 10.90
C PRO A 155 15.93 12.82 11.48
N PHE A 156 15.86 11.59 11.00
CA PHE A 156 14.83 10.66 11.44
C PHE A 156 15.34 9.23 11.25
N ILE A 157 14.51 8.27 11.63
CA ILE A 157 14.86 6.87 11.40
C ILE A 157 13.89 6.21 10.42
N PHE A 158 14.45 5.50 9.45
CA PHE A 158 13.64 4.81 8.45
C PHE A 158 13.47 3.34 8.81
N VAL A 159 12.22 2.87 8.80
CA VAL A 159 11.94 1.45 9.01
C VAL A 159 11.10 0.92 7.86
N ALA A 160 11.52 -0.22 7.30
CA ALA A 160 10.76 -0.85 6.21
C ALA A 160 10.59 -2.35 6.49
N ILE A 161 9.35 -2.80 6.39
CA ILE A 161 9.00 -4.14 6.79
C ILE A 161 8.65 -5.06 5.62
N ASN A 162 8.79 -6.36 5.85
CA ASN A 162 8.10 -7.35 5.03
C ASN A 162 6.81 -7.73 5.74
N TYR A 163 5.79 -8.07 4.97
CA TYR A 163 4.60 -8.69 5.53
C TYR A 163 4.17 -9.75 4.52
N ARG A 164 3.56 -10.84 4.98
CA ARG A 164 3.14 -11.90 4.06
C ARG A 164 2.10 -11.42 3.04
N VAL A 165 2.27 -11.87 1.79
CA VAL A 165 1.33 -11.52 0.73
C VAL A 165 0.76 -12.75 0.02
N GLY A 166 -0.13 -12.53 -0.95
CA GLY A 166 -0.76 -13.63 -1.67
C GLY A 166 -1.56 -14.55 -0.78
N GLY A 167 -1.55 -15.85 -1.10
CA GLY A 167 -2.17 -16.87 -0.27
C GLY A 167 -1.51 -17.06 1.09
N PHE A 168 -0.25 -16.63 1.22
CA PHE A 168 0.45 -16.75 2.49
C PHE A 168 -0.08 -15.78 3.55
N GLY A 169 -0.69 -14.68 3.08
CA GLY A 169 -1.09 -13.61 3.97
C GLY A 169 -2.53 -13.16 3.90
N PHE A 170 -3.21 -13.42 2.78
CA PHE A 170 -4.58 -12.93 2.60
C PHE A 170 -5.56 -13.97 2.07
N LEU A 171 -5.25 -15.24 2.34
CA LEU A 171 -6.15 -16.34 2.04
C LEU A 171 -7.36 -16.25 2.96
N GLY A 172 -8.54 -16.51 2.41
CA GLY A 172 -9.76 -16.40 3.19
C GLY A 172 -10.63 -17.64 3.21
N GLY A 173 -11.90 -17.45 3.57
CA GLY A 173 -12.85 -18.56 3.64
C GLY A 173 -13.36 -18.78 5.05
N LYS A 174 -14.38 -19.63 5.19
CA LYS A 174 -14.99 -19.86 6.50
C LYS A 174 -14.02 -20.63 7.40
N GLU A 175 -13.13 -21.39 6.79
CA GLU A 175 -12.15 -22.18 7.52
C GLU A 175 -11.08 -21.28 8.15
N ILE A 176 -10.63 -20.31 7.36
CA ILE A 176 -9.68 -19.32 7.82
C ILE A 176 -10.31 -18.42 8.89
N LYS A 177 -11.58 -18.07 8.70
CA LYS A 177 -12.25 -17.17 9.63
C LYS A 177 -12.48 -17.80 11.01
N ALA A 178 -12.87 -19.08 11.01
CA ALA A 178 -13.12 -19.79 12.26
C ALA A 178 -11.83 -20.09 13.03
N ASP A 179 -10.73 -20.25 12.30
CA ASP A 179 -9.43 -20.51 12.91
C ASP A 179 -8.80 -19.22 13.42
N GLY A 180 -9.47 -18.09 13.19
CA GLY A 180 -8.94 -16.80 13.58
C GLY A 180 -7.69 -16.39 12.79
N SER A 181 -7.60 -16.79 11.54
CA SER A 181 -6.41 -16.53 10.75
C SER A 181 -6.70 -15.65 9.53
N SER A 182 -7.66 -14.75 9.70
CA SER A 182 -7.98 -13.77 8.66
C SER A 182 -6.97 -12.63 8.65
N ASN A 183 -6.61 -12.19 7.45
CA ASN A 183 -5.82 -10.99 7.27
C ASN A 183 -4.46 -11.06 7.97
N LEU A 184 -3.71 -12.14 7.71
CA LEU A 184 -2.42 -12.32 8.35
C LEU A 184 -1.44 -11.22 7.97
N GLY A 185 -1.51 -10.76 6.72
CA GLY A 185 -0.63 -9.71 6.24
C GLY A 185 -0.76 -8.44 7.05
N LEU A 186 -1.99 -8.12 7.44
CA LEU A 186 -2.27 -6.94 8.26
C LEU A 186 -1.70 -7.11 9.65
N LEU A 187 -1.87 -8.31 10.20
CA LEU A 187 -1.33 -8.63 11.52
C LEU A 187 0.20 -8.54 11.52
N ASP A 188 0.81 -8.92 10.41
CA ASP A 188 2.26 -8.83 10.24
C ASP A 188 2.70 -7.38 10.36
N GLN A 189 1.96 -6.50 9.70
CA GLN A 189 2.27 -5.07 9.77
C GLN A 189 2.08 -4.54 11.19
N ARG A 190 1.00 -4.97 11.83
CA ARG A 190 0.66 -4.53 13.18
C ARG A 190 1.70 -4.97 14.21
N ILE A 191 2.17 -6.22 14.08
CA ILE A 191 3.05 -6.76 15.09
C ILE A 191 4.42 -6.08 14.95
N ALA A 192 4.81 -5.75 13.72
CA ALA A 192 6.01 -4.97 13.47
C ALA A 192 5.94 -3.58 14.12
N LEU A 193 4.75 -2.97 14.11
CA LEU A 193 4.54 -1.71 14.81
C LEU A 193 4.72 -1.84 16.32
N GLU A 194 4.31 -2.99 16.85
CA GLU A 194 4.42 -3.22 18.27
C GLU A 194 5.87 -3.58 18.62
N TRP A 195 6.52 -4.31 17.72
CA TRP A 195 7.94 -4.58 17.87
C TRP A 195 8.67 -3.24 17.95
N VAL A 196 8.37 -2.37 16.99
CA VAL A 196 8.96 -1.05 16.94
C VAL A 196 8.74 -0.33 18.26
N ALA A 197 7.50 -0.37 18.75
CA ALA A 197 7.16 0.25 20.03
C ALA A 197 8.05 -0.26 21.18
N ASP A 198 8.37 -1.54 21.15
CA ASP A 198 9.17 -2.16 22.20
C ASP A 198 10.67 -1.89 22.08
N ASN A 199 11.17 -1.79 20.85
CA ASN A 199 12.61 -1.90 20.61
C ASN A 199 13.30 -0.71 19.91
N ILE A 200 12.52 0.18 19.30
CA ILE A 200 13.09 1.24 18.49
C ILE A 200 13.92 2.25 19.29
N ALA A 201 13.58 2.41 20.57
CA ALA A 201 14.37 3.30 21.44
C ALA A 201 15.83 2.84 21.53
N SER A 202 16.05 1.53 21.54
CA SER A 202 17.41 1.00 21.59
C SER A 202 18.20 1.43 20.36
N PHE A 203 17.47 1.75 19.29
CA PHE A 203 18.07 2.16 18.03
C PHE A 203 18.10 3.70 17.89
N GLY A 204 17.52 4.39 18.87
CA GLY A 204 17.54 5.85 18.88
C GLY A 204 16.28 6.53 18.38
N GLY A 205 15.22 5.73 18.21
CA GLY A 205 13.94 6.23 17.75
C GLY A 205 13.04 6.64 18.91
N ASP A 206 12.19 7.63 18.66
CA ASP A 206 11.16 8.01 19.61
C ASP A 206 9.88 7.27 19.19
N PRO A 207 9.50 6.24 19.95
CA PRO A 207 8.34 5.41 19.57
C PRO A 207 7.01 6.17 19.60
N SER A 208 6.97 7.29 20.31
CA SER A 208 5.79 8.13 20.31
C SER A 208 5.72 9.04 19.09
N LYS A 209 6.72 8.97 18.21
CA LYS A 209 6.74 9.78 17.00
C LYS A 209 6.83 8.94 15.73
N VAL A 210 5.97 7.91 15.65
CA VAL A 210 5.93 7.02 14.51
C VAL A 210 4.91 7.46 13.44
N THR A 211 5.41 7.66 12.22
CA THR A 211 4.55 7.95 11.09
C THR A 211 4.59 6.77 10.11
N ILE A 212 3.43 6.17 9.86
CA ILE A 212 3.34 5.09 8.90
C ILE A 212 3.07 5.62 7.48
N TRP A 213 3.66 4.97 6.49
CA TRP A 213 3.65 5.46 5.12
C TRP A 213 3.60 4.31 4.14
N GLY A 214 2.75 4.41 3.13
CA GLY A 214 2.64 3.35 2.14
C GLY A 214 2.19 3.79 0.77
N GLU A 215 2.46 2.96 -0.22
CA GLU A 215 2.04 3.21 -1.60
C GLU A 215 1.23 2.03 -2.11
N SER A 216 0.15 2.34 -2.85
CA SER A 216 -0.74 1.32 -3.42
C SER A 216 -1.25 0.40 -2.32
N ALA A 217 -0.98 -0.90 -2.44
CA ALA A 217 -1.35 -1.86 -1.39
C ALA A 217 -0.82 -1.43 -0.02
N GLY A 218 0.36 -0.81 -0.01
CA GLY A 218 0.92 -0.30 1.23
C GLY A 218 0.11 0.84 1.79
N SER A 219 -0.32 1.75 0.91
CA SER A 219 -1.17 2.88 1.27
C SER A 219 -2.51 2.41 1.87
N ILE A 220 -3.18 1.49 1.16
CA ILE A 220 -4.39 0.87 1.67
C ILE A 220 -4.15 0.23 3.05
N SER A 221 -3.02 -0.44 3.19
CA SER A 221 -2.61 -1.00 4.48
C SER A 221 -2.53 0.06 5.58
N VAL A 222 -1.99 1.24 5.24
CA VAL A 222 -1.93 2.35 6.19
C VAL A 222 -3.31 2.71 6.74
N PHE A 223 -4.30 2.81 5.84
CA PHE A 223 -5.66 3.03 6.34
C PHE A 223 -6.16 1.89 7.22
N ASP A 224 -5.91 0.65 6.79
CA ASP A 224 -6.32 -0.52 7.57
C ASP A 224 -5.69 -0.56 8.95
N GLN A 225 -4.49 0.01 9.09
CA GLN A 225 -3.82 0.06 10.38
C GLN A 225 -4.48 1.08 11.29
N MET A 226 -4.96 2.16 10.69
CA MET A 226 -5.82 3.07 11.43
C MET A 226 -7.12 2.36 11.82
N ALA A 227 -7.66 1.56 10.91
CA ALA A 227 -8.97 0.93 11.11
C ALA A 227 -8.92 -0.31 12.00
N LEU A 228 -7.72 -0.84 12.20
CA LEU A 228 -7.55 -2.14 12.85
C LEU A 228 -8.15 -2.17 14.26
N TYR A 229 -8.89 -3.25 14.55
CA TYR A 229 -9.45 -3.49 15.87
C TYR A 229 -10.41 -2.39 16.31
N GLY A 230 -11.19 -1.87 15.39
CA GLY A 230 -12.14 -0.83 15.73
C GLY A 230 -11.42 0.48 15.99
N GLY A 231 -10.24 0.64 15.40
CA GLY A 231 -9.50 1.87 15.54
C GLY A 231 -8.76 1.92 16.86
N ASN A 232 -8.45 0.75 17.40
CA ASN A 232 -7.56 0.67 18.56
C ASN A 232 -6.11 0.44 18.16
N ASN A 233 -5.37 1.54 18.00
CA ASN A 233 -3.95 1.46 17.67
C ASN A 233 -3.05 1.56 18.90
N LYS A 234 -3.62 1.31 20.08
CA LYS A 234 -2.86 1.37 21.32
C LYS A 234 -2.27 0.02 21.75
N TYR A 235 -1.02 0.05 22.16
CA TYR A 235 -0.30 -1.14 22.59
C TYR A 235 0.38 -0.76 23.88
N LYS A 236 0.01 -1.44 24.96
CA LYS A 236 0.55 -1.15 26.27
C LYS A 236 0.24 0.28 26.68
N GLY A 237 -0.95 0.76 26.28
CA GLY A 237 -1.44 2.05 26.72
C GLY A 237 -1.13 3.23 25.81
N LYS A 238 -0.27 3.02 24.81
CA LYS A 238 0.22 4.11 23.96
C LYS A 238 -0.04 3.91 22.46
N ALA A 239 -0.34 5.01 21.77
CA ALA A 239 -0.52 4.96 20.32
C ALA A 239 0.70 4.37 19.60
N LEU A 240 0.44 3.47 18.64
CA LEU A 240 1.49 2.87 17.83
C LEU A 240 2.00 3.79 16.72
N PHE A 241 1.26 4.85 16.45
CA PHE A 241 1.65 5.83 15.45
C PHE A 241 0.88 7.13 15.65
N ARG A 242 1.36 8.19 15.02
CA ARG A 242 0.79 9.51 15.24
C ARG A 242 0.45 10.21 13.93
N GLY A 243 0.81 9.56 12.82
CA GLY A 243 0.63 10.16 11.51
C GLY A 243 0.61 9.12 10.40
N GLY A 244 -0.08 9.44 9.31
CA GLY A 244 -0.11 8.56 8.16
C GLY A 244 0.08 9.29 6.84
N ILE A 245 0.81 8.64 5.93
CA ILE A 245 0.97 9.17 4.59
C ILE A 245 0.50 8.10 3.64
N MET A 246 -0.41 8.48 2.75
CA MET A 246 -1.04 7.55 1.83
C MET A 246 -0.80 7.95 0.39
N ASN A 247 0.06 7.18 -0.28
CA ASN A 247 0.35 7.39 -1.69
C ASN A 247 -0.48 6.39 -2.50
N SER A 248 -1.57 6.87 -3.12
CA SER A 248 -2.43 6.05 -3.99
C SER A 248 -3.15 4.91 -3.27
N GLY A 249 -4.24 5.21 -2.59
CA GLY A 249 -5.05 4.14 -2.00
C GLY A 249 -5.42 4.36 -0.55
N SER A 250 -6.67 4.02 -0.22
CA SER A 250 -7.19 4.21 1.13
C SER A 250 -8.27 3.19 1.44
N VAL A 251 -9.53 3.62 1.48
CA VAL A 251 -10.65 2.71 1.69
C VAL A 251 -10.87 1.80 0.48
N VAL A 252 -10.92 0.50 0.73
CA VAL A 252 -11.28 -0.45 -0.31
C VAL A 252 -12.47 -1.25 0.18
N PRO A 253 -13.69 -0.82 -0.17
CA PRO A 253 -14.92 -1.48 0.27
C PRO A 253 -14.87 -2.94 -0.14
N ALA A 254 -15.13 -3.86 0.78
CA ALA A 254 -15.00 -5.28 0.45
C ALA A 254 -16.03 -6.24 1.09
N ALA A 255 -16.29 -7.33 0.39
CA ALA A 255 -17.13 -8.39 0.92
C ALA A 255 -16.32 -9.15 1.96
N PRO A 256 -17.00 -9.83 2.90
CA PRO A 256 -16.35 -10.54 4.01
C PRO A 256 -15.33 -11.60 3.58
N VAL A 257 -14.45 -11.92 4.52
CA VAL A 257 -13.40 -12.93 4.32
C VAL A 257 -13.99 -14.31 4.07
N ASP A 258 -15.23 -14.53 4.54
CA ASP A 258 -15.96 -15.79 4.30
C ASP A 258 -17.06 -15.56 3.26
N GLY A 259 -16.81 -14.61 2.37
CA GLY A 259 -17.75 -14.31 1.31
C GLY A 259 -17.61 -15.30 0.18
N VAL A 260 -18.32 -15.05 -0.92
CA VAL A 260 -18.29 -15.95 -2.06
C VAL A 260 -16.93 -15.95 -2.76
N LYS A 261 -16.43 -14.76 -3.10
CA LYS A 261 -15.16 -14.66 -3.80
C LYS A 261 -14.06 -15.37 -3.06
N ALA A 262 -13.98 -15.12 -1.75
CA ALA A 262 -12.88 -15.63 -0.93
C ALA A 262 -12.97 -17.13 -0.72
N GLN A 263 -14.17 -17.64 -0.51
CA GLN A 263 -14.37 -19.08 -0.35
C GLN A 263 -14.01 -19.81 -1.64
N ALA A 264 -14.30 -19.19 -2.77
CA ALA A 264 -13.97 -19.78 -4.07
C ALA A 264 -12.45 -19.88 -4.27
N ILE A 265 -11.73 -18.81 -3.89
CA ILE A 265 -10.28 -18.82 -3.95
C ILE A 265 -9.78 -19.96 -3.07
N TYR A 266 -10.25 -19.97 -1.82
CA TYR A 266 -9.84 -20.99 -0.86
C TYR A 266 -10.04 -22.41 -1.37
N ASP A 267 -11.24 -22.70 -1.87
CA ASP A 267 -11.57 -24.05 -2.34
C ASP A 267 -10.67 -24.46 -3.50
N HIS A 268 -10.37 -23.49 -4.36
CA HIS A 268 -9.49 -23.74 -5.48
C HIS A 268 -8.07 -24.05 -5.00
N VAL A 269 -7.62 -23.31 -4.00
CA VAL A 269 -6.29 -23.52 -3.42
C VAL A 269 -6.17 -24.91 -2.79
N VAL A 270 -7.17 -25.28 -1.99
CA VAL A 270 -7.22 -26.61 -1.39
C VAL A 270 -7.10 -27.71 -2.45
N SER A 271 -7.87 -27.60 -3.52
CA SER A 271 -7.87 -28.59 -4.59
C SER A 271 -6.49 -28.70 -5.25
N GLU A 272 -5.88 -27.55 -5.54
CA GLU A 272 -4.60 -27.52 -6.22
C GLU A 272 -3.46 -27.95 -5.31
N ALA A 273 -3.71 -27.92 -4.01
CA ALA A 273 -2.71 -28.31 -3.03
C ALA A 273 -2.71 -29.83 -2.87
N GLY A 274 -3.85 -30.45 -3.14
CA GLY A 274 -3.99 -31.88 -2.97
C GLY A 274 -4.57 -32.18 -1.60
N CYS A 275 -5.31 -31.21 -1.06
CA CYS A 275 -5.95 -31.36 0.24
C CYS A 275 -7.46 -31.54 0.11
N ALA A 276 -7.93 -31.76 -1.11
CA ALA A 276 -9.36 -31.93 -1.36
C ALA A 276 -9.91 -33.09 -0.56
N GLY A 277 -11.06 -32.87 0.07
CA GLY A 277 -11.78 -33.94 0.74
C GLY A 277 -11.17 -34.52 2.00
N THR A 278 -10.20 -33.81 2.60
CA THR A 278 -9.70 -34.22 3.89
C THR A 278 -10.64 -33.71 4.98
N SER A 279 -10.56 -34.32 6.16
CA SER A 279 -11.37 -33.91 7.30
C SER A 279 -11.18 -32.43 7.64
N ASP A 280 -9.93 -32.05 7.89
CA ASP A 280 -9.59 -30.66 8.19
C ASP A 280 -8.66 -30.08 7.11
N THR A 281 -9.25 -29.39 6.15
CA THR A 281 -8.49 -28.90 5.00
C THR A 281 -7.41 -27.91 5.42
N LEU A 282 -7.78 -26.92 6.23
CA LEU A 282 -6.83 -25.90 6.66
C LEU A 282 -5.60 -26.50 7.37
N ALA A 283 -5.84 -27.46 8.27
CA ALA A 283 -4.76 -28.15 8.93
C ALA A 283 -3.90 -28.90 7.92
N CYS A 284 -4.55 -29.48 6.92
CA CYS A 284 -3.84 -30.22 5.89
C CYS A 284 -2.94 -29.30 5.06
N LEU A 285 -3.42 -28.08 4.80
CA LEU A 285 -2.66 -27.10 4.05
C LEU A 285 -1.27 -26.88 4.62
N ARG A 286 -1.11 -27.07 5.93
CA ARG A 286 0.15 -26.80 6.60
C ARG A 286 1.14 -27.95 6.47
N THR A 287 0.64 -29.11 6.04
CA THR A 287 1.50 -30.27 5.86
C THR A 287 2.02 -30.38 4.43
N VAL A 288 1.40 -29.63 3.53
CA VAL A 288 1.82 -29.58 2.13
C VAL A 288 3.24 -28.99 2.04
N ASP A 289 4.07 -29.57 1.18
CA ASP A 289 5.40 -29.01 0.94
C ASP A 289 5.29 -27.59 0.44
N TYR A 290 6.36 -26.83 0.62
CA TYR A 290 6.34 -25.41 0.32
C TYR A 290 6.07 -25.16 -1.16
N THR A 291 6.65 -25.98 -2.01
CA THR A 291 6.58 -25.79 -3.44
C THR A 291 5.19 -26.09 -4.00
N LYS A 292 4.61 -27.21 -3.59
CA LYS A 292 3.26 -27.58 -4.02
C LYS A 292 2.26 -26.54 -3.53
N PHE A 293 2.46 -26.06 -2.31
CA PHE A 293 1.62 -25.02 -1.73
C PHE A 293 1.73 -23.70 -2.52
N LEU A 294 2.97 -23.22 -2.71
CA LEU A 294 3.21 -22.01 -3.48
C LEU A 294 2.51 -22.07 -4.84
N THR A 295 2.54 -23.24 -5.45
CA THR A 295 1.90 -23.45 -6.73
C THR A 295 0.39 -23.26 -6.62
N ALA A 296 -0.18 -23.83 -5.56
CA ALA A 296 -1.61 -23.72 -5.30
C ALA A 296 -2.05 -22.26 -5.16
N VAL A 297 -1.44 -21.54 -4.22
CA VAL A 297 -1.82 -20.15 -3.97
C VAL A 297 -1.57 -19.21 -5.16
N ASN A 298 -0.64 -19.58 -6.04
CA ASN A 298 -0.36 -18.79 -7.23
C ASN A 298 -1.23 -19.16 -8.44
N SER A 299 -1.92 -20.30 -8.38
CA SER A 299 -2.72 -20.76 -9.51
C SER A 299 -3.95 -19.87 -9.85
N VAL A 300 -4.33 -19.01 -8.92
CA VAL A 300 -5.46 -18.10 -9.11
C VAL A 300 -5.01 -16.83 -9.89
N PRO A 301 -5.97 -16.06 -10.44
CA PRO A 301 -5.63 -14.90 -11.26
C PRO A 301 -4.74 -13.88 -10.54
N GLY A 302 -3.81 -13.30 -11.28
CA GLY A 302 -2.96 -12.25 -10.77
C GLY A 302 -3.44 -10.88 -11.20
N ILE A 303 -2.64 -9.86 -10.92
CA ILE A 303 -3.03 -8.48 -11.16
C ILE A 303 -2.78 -8.08 -12.61
N VAL A 304 -1.80 -8.75 -13.24
CA VAL A 304 -1.54 -8.58 -14.66
C VAL A 304 -2.28 -9.69 -15.39
N SER A 305 -3.54 -9.42 -15.69
CA SER A 305 -4.46 -10.39 -16.25
C SER A 305 -5.74 -9.65 -16.59
N TYR A 306 -6.63 -10.32 -17.32
CA TYR A 306 -7.93 -9.77 -17.66
C TYR A 306 -8.66 -9.22 -16.44
N SER A 307 -8.69 -9.99 -15.35
CA SER A 307 -9.39 -9.55 -14.12
C SER A 307 -8.80 -8.29 -13.49
N SER A 308 -7.53 -8.01 -13.77
CA SER A 308 -6.92 -6.72 -13.44
C SER A 308 -7.02 -6.38 -11.94
N ILE A 309 -7.71 -5.30 -11.58
CA ILE A 309 -7.76 -4.92 -10.16
C ILE A 309 -8.91 -5.55 -9.40
N ALA A 310 -9.54 -6.54 -10.02
CA ALA A 310 -10.42 -7.41 -9.28
C ALA A 310 -9.51 -8.46 -8.66
N LEU A 311 -8.89 -8.10 -7.54
CA LEU A 311 -7.82 -8.89 -6.93
C LEU A 311 -8.28 -10.22 -6.34
N SER A 312 -7.42 -11.23 -6.45
CA SER A 312 -7.66 -12.51 -5.80
C SER A 312 -7.41 -12.45 -4.28
N TYR A 313 -6.38 -11.67 -3.88
CA TYR A 313 -6.03 -11.50 -2.46
C TYR A 313 -6.06 -10.04 -2.03
N LEU A 314 -6.67 -9.79 -0.87
CA LEU A 314 -6.77 -8.45 -0.30
C LEU A 314 -7.37 -8.56 1.12
N PRO A 315 -7.22 -7.50 1.92
CA PRO A 315 -7.91 -7.40 3.21
C PRO A 315 -9.42 -7.50 3.05
N ARG A 316 -10.06 -8.34 3.85
CA ARG A 316 -11.50 -8.47 3.87
C ARG A 316 -11.99 -8.47 5.30
N PRO A 317 -13.17 -7.88 5.55
CA PRO A 317 -13.76 -7.78 6.88
C PRO A 317 -13.95 -9.13 7.56
N ASP A 318 -13.40 -9.27 8.77
CA ASP A 318 -13.46 -10.53 9.49
C ASP A 318 -14.22 -10.40 10.81
N GLY A 319 -14.60 -9.17 11.16
CA GLY A 319 -15.34 -8.91 12.38
C GLY A 319 -14.50 -8.70 13.65
N VAL A 320 -13.19 -8.87 13.54
CA VAL A 320 -12.32 -8.65 14.68
C VAL A 320 -11.17 -7.71 14.33
N VAL A 321 -10.40 -8.08 13.31
CA VAL A 321 -9.28 -7.30 12.82
C VAL A 321 -9.76 -6.12 11.96
N LEU A 322 -10.45 -6.42 10.87
CA LEU A 322 -11.35 -5.47 10.21
C LEU A 322 -12.76 -5.85 10.62
N ILE A 323 -13.46 -4.96 11.33
CA ILE A 323 -14.78 -5.31 11.88
C ILE A 323 -15.91 -5.17 10.86
N ASP A 324 -15.83 -4.14 10.04
CA ASP A 324 -16.78 -3.91 8.97
C ASP A 324 -16.03 -3.61 7.70
N SER A 325 -16.76 -3.44 6.60
CA SER A 325 -16.17 -2.97 5.35
C SER A 325 -15.61 -1.57 5.60
N PRO A 326 -14.42 -1.29 5.03
CA PRO A 326 -13.67 -0.04 5.26
C PRO A 326 -14.48 1.25 5.20
N GLU A 327 -15.40 1.40 4.25
CA GLU A 327 -16.18 2.63 4.19
C GLU A 327 -17.08 2.77 5.42
N GLU A 328 -17.51 1.65 5.98
CA GLU A 328 -18.35 1.67 7.17
C GLU A 328 -17.52 1.98 8.42
N ILE A 329 -16.27 1.56 8.42
CA ILE A 329 -15.40 1.85 9.55
C ILE A 329 -15.22 3.35 9.75
N VAL A 330 -15.04 4.08 8.65
CA VAL A 330 -14.96 5.53 8.72
C VAL A 330 -16.30 6.13 9.14
N LYS A 331 -17.34 5.71 8.44
CA LYS A 331 -18.69 6.22 8.66
C LYS A 331 -19.10 6.03 10.13
N ASN A 332 -18.63 4.95 10.75
CA ASN A 332 -18.96 4.68 12.15
C ASN A 332 -17.98 5.29 13.14
N LYS A 333 -17.04 6.09 12.63
CA LYS A 333 -16.05 6.76 13.45
C LYS A 333 -15.30 5.72 14.30
N GLN A 334 -14.84 4.66 13.64
CA GLN A 334 -14.14 3.59 14.36
C GLN A 334 -12.75 3.29 13.81
N TYR A 335 -12.03 4.33 13.41
CA TYR A 335 -10.62 4.20 13.04
C TYR A 335 -9.81 5.19 13.88
N ALA A 336 -8.53 4.91 14.06
CA ALA A 336 -7.62 5.84 14.75
C ALA A 336 -7.37 7.10 13.91
N ALA A 337 -8.03 8.19 14.25
CA ALA A 337 -7.96 9.39 13.44
C ALA A 337 -6.68 10.19 13.71
N VAL A 338 -5.72 10.08 12.81
CA VAL A 338 -4.45 10.77 12.97
C VAL A 338 -4.27 11.75 11.82
N PRO A 339 -3.49 12.83 12.06
CA PRO A 339 -3.10 13.73 10.97
C PRO A 339 -2.59 12.92 9.79
N MET A 340 -3.04 13.23 8.57
CA MET A 340 -2.68 12.42 7.43
C MET A 340 -2.48 13.23 6.16
N ILE A 341 -1.59 12.72 5.30
CA ILE A 341 -1.41 13.22 3.95
C ILE A 341 -1.82 12.12 2.98
N ILE A 342 -2.59 12.45 1.96
CA ILE A 342 -3.01 11.43 1.00
C ILE A 342 -3.05 12.00 -0.41
N GLY A 343 -2.54 11.24 -1.37
CA GLY A 343 -2.54 11.75 -2.73
C GLY A 343 -2.70 10.68 -3.78
N ASP A 344 -2.84 11.12 -5.01
CA ASP A 344 -2.88 10.22 -6.15
C ASP A 344 -2.05 10.75 -7.31
N GLN A 345 -1.54 9.81 -8.09
CA GLN A 345 -1.06 10.10 -9.42
C GLN A 345 -2.27 10.44 -10.30
N GLU A 346 -2.09 11.33 -11.26
CA GLU A 346 -3.21 11.86 -12.03
C GLU A 346 -3.93 10.75 -12.79
N ASP A 347 -3.15 9.81 -13.32
CA ASP A 347 -3.69 8.74 -14.15
C ASP A 347 -3.50 7.37 -13.52
N GLU A 348 -4.14 7.16 -12.37
CA GLU A 348 -3.94 5.93 -11.60
C GLU A 348 -4.35 4.69 -12.38
N GLY A 349 -5.38 4.81 -13.22
CA GLY A 349 -5.98 3.66 -13.88
C GLY A 349 -5.32 3.11 -15.12
N THR A 350 -4.49 3.92 -15.79
CA THR A 350 -3.94 3.57 -17.10
C THR A 350 -3.29 2.18 -17.17
N LEU A 351 -2.43 1.90 -16.19
CA LEU A 351 -1.71 0.63 -16.09
C LEU A 351 -2.66 -0.58 -16.09
N PHE A 352 -3.82 -0.42 -15.47
CA PHE A 352 -4.76 -1.51 -15.25
C PHE A 352 -5.76 -1.66 -16.38
N ALA A 353 -5.76 -0.72 -17.31
CA ALA A 353 -6.66 -0.73 -18.45
C ALA A 353 -5.98 -1.30 -19.71
N VAL A 354 -4.67 -1.56 -19.61
CA VAL A 354 -3.94 -2.08 -20.74
C VAL A 354 -4.40 -3.49 -21.16
N LEU A 355 -4.43 -4.43 -20.21
CA LEU A 355 -4.77 -5.82 -20.55
C LEU A 355 -6.18 -6.11 -21.08
N PRO A 356 -7.24 -5.60 -20.41
CA PRO A 356 -8.58 -5.91 -20.93
C PRO A 356 -8.97 -5.10 -22.18
N ASN A 357 -8.33 -5.45 -23.31
CA ASN A 357 -8.42 -4.65 -24.53
C ASN A 357 -9.66 -4.96 -25.37
N ASN A 358 -10.59 -5.68 -24.78
CA ASN A 358 -11.85 -6.01 -25.43
C ASN A 358 -12.99 -5.28 -24.74
N ILE A 359 -12.67 -4.60 -23.65
CA ILE A 359 -13.67 -3.83 -22.91
C ILE A 359 -13.79 -2.46 -23.57
N THR A 360 -14.63 -2.39 -24.59
CA THR A 360 -14.59 -1.29 -25.54
C THR A 360 -15.91 -0.54 -25.69
N SER A 361 -16.78 -0.65 -24.69
CA SER A 361 -18.06 0.07 -24.70
C SER A 361 -18.73 -0.01 -23.33
N THR A 362 -19.77 0.82 -23.16
CA THR A 362 -20.54 0.87 -21.91
C THR A 362 -21.08 -0.50 -21.49
N ALA A 363 -21.72 -1.19 -22.42
CA ALA A 363 -22.32 -2.47 -22.11
C ALA A 363 -21.23 -3.44 -21.73
N LYS A 364 -20.09 -3.34 -22.41
CA LYS A 364 -18.99 -4.24 -22.15
C LYS A 364 -18.31 -3.94 -20.82
N ILE A 365 -18.18 -2.67 -20.48
CA ILE A 365 -17.64 -2.28 -19.18
C ILE A 365 -18.53 -2.82 -18.07
N VAL A 366 -19.84 -2.66 -18.23
CA VAL A 366 -20.79 -3.04 -17.21
C VAL A 366 -20.80 -4.56 -16.96
N GLN A 367 -20.70 -5.34 -18.04
CA GLN A 367 -20.62 -6.79 -17.94
C GLN A 367 -19.38 -7.21 -17.16
N TYR A 368 -18.25 -6.63 -17.56
CA TYR A 368 -16.95 -6.90 -16.98
C TYR A 368 -17.04 -6.67 -15.49
N PHE A 369 -17.66 -5.56 -15.10
CA PHE A 369 -17.89 -5.26 -13.69
C PHE A 369 -18.84 -6.25 -13.03
N GLN A 370 -19.95 -6.57 -13.70
CA GLN A 370 -20.92 -7.51 -13.15
C GLN A 370 -20.37 -8.92 -12.93
N ASP A 371 -19.48 -9.34 -13.82
CA ASP A 371 -18.91 -10.67 -13.74
C ASP A 371 -17.80 -10.77 -12.68
N LEU A 372 -16.86 -9.84 -12.69
CA LEU A 372 -15.64 -9.96 -11.90
C LEU A 372 -15.54 -9.09 -10.63
N TYR A 373 -16.23 -7.96 -10.61
CA TYR A 373 -16.03 -6.97 -9.56
C TYR A 373 -17.16 -6.93 -8.51
N PHE A 374 -18.29 -6.32 -8.87
CA PHE A 374 -19.31 -5.93 -7.87
C PHE A 374 -20.59 -6.80 -7.82
N TYR A 375 -20.60 -7.77 -6.91
CA TYR A 375 -21.68 -8.73 -6.82
C TYR A 375 -22.96 -8.12 -6.23
N ASN A 376 -22.88 -6.87 -5.79
CA ASN A 376 -24.00 -6.21 -5.15
C ASN A 376 -24.58 -5.03 -5.94
N ALA A 377 -24.03 -4.77 -7.13
CA ALA A 377 -24.55 -3.72 -7.98
C ALA A 377 -25.50 -4.28 -9.04
N THR A 378 -26.52 -3.50 -9.42
CA THR A 378 -27.42 -3.88 -10.51
C THR A 378 -26.90 -3.30 -11.82
N LYS A 379 -27.38 -3.83 -12.95
CA LYS A 379 -26.97 -3.36 -14.28
C LYS A 379 -27.37 -1.90 -14.48
N GLU A 380 -28.57 -1.55 -14.03
CA GLU A 380 -29.02 -0.17 -14.06
C GLU A 380 -28.08 0.75 -13.24
N GLN A 381 -27.62 0.27 -12.09
CA GLN A 381 -26.70 1.06 -11.28
C GLN A 381 -25.34 1.24 -11.95
N LEU A 382 -24.74 0.13 -12.40
CA LEU A 382 -23.44 0.19 -13.05
C LEU A 382 -23.45 1.01 -14.36
N THR A 383 -24.50 0.84 -15.14
CA THR A 383 -24.71 1.61 -16.35
C THR A 383 -24.80 3.10 -16.04
N ALA A 384 -25.51 3.44 -14.97
CA ALA A 384 -25.66 4.83 -14.56
C ALA A 384 -24.31 5.45 -14.16
N PHE A 385 -23.47 4.65 -13.51
CA PHE A 385 -22.19 5.13 -13.07
C PHE A 385 -21.25 5.27 -14.27
N VAL A 386 -21.26 4.26 -15.14
CA VAL A 386 -20.42 4.31 -16.33
C VAL A 386 -20.86 5.45 -17.25
N ASN A 387 -22.13 5.80 -17.21
CA ASN A 387 -22.59 6.90 -18.06
C ASN A 387 -22.15 8.29 -17.60
N THR A 388 -21.53 8.39 -16.43
CA THR A 388 -21.01 9.68 -16.00
C THR A 388 -19.69 9.97 -16.70
N TYR A 389 -19.15 8.95 -17.35
CA TYR A 389 -17.92 9.04 -18.12
C TYR A 389 -18.22 9.11 -19.62
N PRO A 390 -17.91 10.26 -20.25
CA PRO A 390 -18.18 10.44 -21.67
C PRO A 390 -17.38 9.44 -22.48
N THR A 391 -17.87 9.05 -23.65
CA THR A 391 -17.17 8.11 -24.51
C THR A 391 -16.11 8.83 -25.34
N ASP A 392 -16.24 10.16 -25.40
CA ASP A 392 -15.31 11.04 -26.10
C ASP A 392 -13.83 10.78 -25.73
N ILE A 393 -13.03 10.63 -26.77
CA ILE A 393 -11.61 10.28 -26.64
C ILE A 393 -10.81 11.30 -25.82
N THR A 394 -11.28 12.55 -25.75
CA THR A 394 -10.55 13.61 -25.06
C THR A 394 -10.82 13.63 -23.56
N ALA A 395 -11.86 12.92 -23.13
CA ALA A 395 -12.29 12.99 -21.74
C ALA A 395 -11.58 12.01 -20.82
N GLY A 396 -10.89 11.04 -21.39
CA GLY A 396 -10.32 9.94 -20.63
C GLY A 396 -8.93 10.13 -20.08
N SER A 397 -8.38 9.04 -19.54
CA SER A 397 -7.08 9.03 -18.91
C SER A 397 -6.08 8.29 -19.81
N PRO A 398 -4.88 8.86 -20.04
CA PRO A 398 -4.22 10.08 -19.52
C PRO A 398 -5.04 11.36 -19.66
N PHE A 399 -5.48 11.92 -18.52
CA PHE A 399 -6.30 13.12 -18.52
C PHE A 399 -5.62 14.30 -19.21
N ASN A 400 -6.43 15.12 -19.86
CA ASN A 400 -5.98 16.33 -20.54
C ASN A 400 -4.96 16.14 -21.66
N THR A 401 -5.13 15.09 -22.44
CA THR A 401 -4.25 14.84 -23.57
C THR A 401 -4.94 14.78 -24.95
N GLY A 402 -6.18 15.26 -25.03
CA GLY A 402 -6.91 15.35 -26.29
C GLY A 402 -7.11 14.03 -27.02
N ILE A 403 -6.73 14.00 -28.29
CA ILE A 403 -6.96 12.82 -29.15
C ILE A 403 -5.87 11.76 -29.02
N PHE A 404 -4.90 12.01 -28.14
CA PHE A 404 -3.78 11.09 -28.00
C PHE A 404 -4.03 10.05 -26.92
N ASN A 405 -3.26 8.96 -27.01
CA ASN A 405 -3.17 7.93 -25.97
C ASN A 405 -4.28 6.91 -25.93
N GLU A 406 -5.06 6.82 -27.00
CA GLU A 406 -6.09 5.80 -27.10
C GLU A 406 -5.49 4.50 -27.61
N LEU A 407 -5.01 3.68 -26.66
CA LEU A 407 -4.36 2.42 -26.96
C LEU A 407 -5.28 1.48 -27.75
N TYR A 408 -6.56 1.49 -27.40
CA TYR A 408 -7.59 0.75 -28.12
C TYR A 408 -8.86 1.54 -27.89
N PRO A 409 -9.90 1.31 -28.71
CA PRO A 409 -11.14 2.08 -28.52
C PRO A 409 -11.76 1.85 -27.14
N GLY A 410 -11.79 2.89 -26.33
CA GLY A 410 -12.36 2.79 -25.00
C GLY A 410 -11.34 2.77 -23.88
N PHE A 411 -10.06 2.70 -24.23
CA PHE A 411 -8.98 2.64 -23.25
C PHE A 411 -8.97 3.78 -22.20
N LYS A 412 -9.01 5.00 -22.67
CA LYS A 412 -8.95 6.14 -21.78
C LYS A 412 -10.16 6.23 -20.84
N ARG A 413 -11.30 5.73 -21.31
CA ARG A 413 -12.53 5.79 -20.53
C ARG A 413 -12.45 4.79 -19.39
N LEU A 414 -12.09 3.56 -19.74
CA LEU A 414 -11.94 2.50 -18.78
C LEU A 414 -10.85 2.83 -17.75
N ALA A 415 -9.72 3.40 -18.22
CA ALA A 415 -8.65 3.81 -17.32
C ALA A 415 -9.12 4.89 -16.37
N ALA A 416 -9.94 5.82 -16.87
CA ALA A 416 -10.51 6.85 -16.02
C ALA A 416 -11.33 6.22 -14.90
N ILE A 417 -12.18 5.26 -15.29
CA ILE A 417 -13.10 4.62 -14.35
C ILE A 417 -12.37 3.79 -13.31
N LEU A 418 -11.48 2.92 -13.77
CA LEU A 418 -10.66 2.08 -12.90
C LEU A 418 -9.85 2.93 -11.91
N GLY A 419 -9.25 4.01 -12.41
CA GLY A 419 -8.45 4.87 -11.55
C GLY A 419 -9.29 5.56 -10.50
N ASP A 420 -10.46 6.05 -10.91
CA ASP A 420 -11.31 6.87 -10.04
C ASP A 420 -11.93 6.09 -8.89
N MET A 421 -12.47 4.93 -9.18
CA MET A 421 -13.22 4.21 -8.17
C MET A 421 -12.30 3.54 -7.15
N THR A 422 -11.11 3.18 -7.59
CA THR A 422 -10.16 2.49 -6.73
C THR A 422 -9.27 3.47 -5.94
N PHE A 423 -8.90 4.59 -6.56
CA PHE A 423 -7.91 5.50 -5.98
C PHE A 423 -8.38 6.94 -5.86
N THR A 424 -8.51 7.61 -7.00
CA THR A 424 -8.63 9.07 -7.04
C THR A 424 -9.93 9.63 -6.47
N LEU A 425 -11.08 9.09 -6.87
CA LEU A 425 -12.36 9.56 -6.34
C LEU A 425 -12.69 8.91 -5.00
N ALA A 426 -12.23 7.68 -4.81
CA ALA A 426 -12.31 7.01 -3.52
C ALA A 426 -11.60 7.80 -2.41
N ARG A 427 -10.51 8.48 -2.80
CA ARG A 427 -9.77 9.36 -1.90
C ARG A 427 -10.61 10.53 -1.43
N ARG A 428 -11.23 11.23 -2.38
CA ARG A 428 -12.11 12.37 -2.07
C ARG A 428 -13.23 11.93 -1.13
N ALA A 429 -13.78 10.75 -1.39
CA ALA A 429 -14.86 10.22 -0.56
C ALA A 429 -14.33 10.08 0.86
N PHE A 430 -13.14 9.48 0.95
CA PHE A 430 -12.46 9.27 2.23
C PHE A 430 -12.23 10.59 2.98
N LEU A 431 -11.61 11.57 2.31
CA LEU A 431 -11.43 12.89 2.90
C LEU A 431 -12.76 13.50 3.35
N GLN A 432 -13.76 13.47 2.48
CA GLN A 432 -15.10 13.95 2.83
C GLN A 432 -15.66 13.35 4.13
N LEU A 433 -15.69 12.02 4.19
CA LEU A 433 -16.19 11.29 5.36
C LEU A 433 -15.38 11.57 6.63
N CYS A 434 -14.06 11.46 6.54
CA CYS A 434 -13.18 11.74 7.67
C CYS A 434 -13.42 13.14 8.18
N SER A 435 -13.65 14.08 7.27
CA SER A 435 -13.86 15.46 7.67
C SER A 435 -15.21 15.60 8.39
N GLU A 436 -16.14 14.72 8.07
CA GLU A 436 -17.47 14.74 8.69
C GLU A 436 -17.50 14.17 10.11
N VAL A 437 -16.83 13.04 10.32
CA VAL A 437 -16.79 12.44 11.66
C VAL A 437 -15.66 12.96 12.55
N ASN A 438 -14.54 13.35 11.95
CA ASN A 438 -13.40 13.87 12.71
C ASN A 438 -12.90 15.21 12.18
N PRO A 439 -13.73 16.26 12.33
CA PRO A 439 -13.51 17.58 11.73
C PRO A 439 -12.21 18.20 12.18
N ASP A 440 -11.77 17.85 13.39
CA ASP A 440 -10.61 18.49 14.02
C ASP A 440 -9.28 17.86 13.62
N VAL A 441 -9.33 16.71 12.96
CA VAL A 441 -8.12 16.02 12.57
C VAL A 441 -7.72 16.47 11.17
N PRO A 442 -6.55 17.13 11.05
CA PRO A 442 -6.13 17.78 9.81
C PRO A 442 -5.71 16.78 8.73
N SER A 443 -5.88 17.16 7.47
CA SER A 443 -5.46 16.32 6.37
C SER A 443 -5.03 17.19 5.20
N TRP A 444 -4.07 16.69 4.44
CA TRP A 444 -3.56 17.39 3.27
C TRP A 444 -3.55 16.42 2.10
N SER A 445 -3.81 16.93 0.91
CA SER A 445 -3.92 16.04 -0.23
C SER A 445 -3.32 16.70 -1.46
N TYR A 446 -2.68 15.89 -2.30
CA TYR A 446 -2.05 16.38 -3.52
C TYR A 446 -2.54 15.53 -4.71
N LEU A 447 -2.39 16.06 -5.91
CA LEU A 447 -2.52 15.27 -7.11
C LEU A 447 -1.21 15.40 -7.90
N ALA A 448 -0.64 14.27 -8.31
CA ALA A 448 0.65 14.26 -9.01
C ALA A 448 0.51 14.26 -10.53
N SER A 449 1.21 15.18 -11.17
CA SER A 449 1.12 15.35 -12.62
C SER A 449 2.47 15.49 -13.30
N TYR A 450 3.54 15.22 -12.57
CA TYR A 450 4.91 15.41 -13.05
C TYR A 450 5.36 14.45 -14.17
N ASP A 451 4.48 13.54 -14.61
CA ASP A 451 4.80 12.72 -15.78
C ASP A 451 3.86 12.92 -16.96
N TYR A 452 3.28 14.12 -17.01
CA TYR A 452 2.36 14.50 -18.07
C TYR A 452 3.04 14.40 -19.43
N GLY A 453 2.40 13.68 -20.35
CA GLY A 453 2.98 13.40 -21.64
C GLY A 453 3.52 11.99 -21.84
N PHE A 454 3.66 11.22 -20.75
CA PHE A 454 4.14 9.85 -20.89
C PHE A 454 3.13 9.10 -21.74
N PRO A 455 3.56 8.65 -22.93
CA PRO A 455 2.68 8.06 -23.93
C PRO A 455 1.83 6.89 -23.42
N PHE A 456 0.52 6.98 -23.67
CA PHE A 456 -0.48 6.01 -23.23
C PHE A 456 -0.69 5.90 -21.71
N LEU A 457 0.33 6.17 -20.90
CA LEU A 457 0.22 5.95 -19.47
C LEU A 457 0.08 7.22 -18.63
N GLY A 458 0.58 8.34 -19.16
CA GLY A 458 0.58 9.60 -18.44
C GLY A 458 1.25 9.44 -17.08
N THR A 459 0.83 10.25 -16.11
CA THR A 459 1.37 10.12 -14.76
C THR A 459 0.71 8.92 -14.08
N PHE A 460 1.30 7.75 -14.30
CA PHE A 460 0.68 6.49 -13.94
C PHE A 460 1.04 5.95 -12.56
N HIS A 461 0.29 4.92 -12.14
CA HIS A 461 0.45 4.28 -10.85
C HIS A 461 1.92 3.97 -10.53
N ALA A 462 2.35 4.42 -9.34
CA ALA A 462 3.70 4.18 -8.81
C ALA A 462 4.85 5.03 -9.38
N THR A 463 4.57 6.02 -10.23
CA THR A 463 5.64 6.91 -10.69
C THR A 463 6.19 7.77 -9.55
N ASP A 464 5.41 7.93 -8.48
CA ASP A 464 5.83 8.65 -7.28
C ASP A 464 7.05 8.03 -6.61
N ILE A 465 7.20 6.72 -6.71
CA ILE A 465 8.38 6.03 -6.18
C ILE A 465 9.68 6.66 -6.68
N LEU A 466 9.72 6.98 -7.97
CA LEU A 466 10.89 7.57 -8.60
C LEU A 466 11.24 8.95 -8.03
N GLN A 467 10.27 9.54 -7.37
CA GLN A 467 10.35 10.95 -7.00
C GLN A 467 10.78 11.10 -5.52
N VAL A 468 10.85 9.99 -4.79
CA VAL A 468 11.13 10.07 -3.36
C VAL A 468 12.18 9.08 -2.82
N PHE A 469 12.51 8.05 -3.59
CA PHE A 469 13.43 7.00 -3.15
C PHE A 469 14.80 7.06 -3.81
N TYR A 470 14.95 7.92 -4.82
CA TYR A 470 16.17 7.90 -5.64
C TYR A 470 17.00 9.18 -5.54
N GLY A 471 16.83 9.89 -4.45
CA GLY A 471 17.53 11.15 -4.25
C GLY A 471 16.65 12.32 -4.63
N VAL A 472 17.19 13.52 -4.53
CA VAL A 472 16.51 14.72 -4.98
C VAL A 472 16.85 14.96 -6.46
N LEU A 473 15.86 14.69 -7.30
CA LEU A 473 16.00 14.83 -8.74
C LEU A 473 16.17 16.30 -9.10
N PRO A 474 16.75 16.58 -10.26
CA PRO A 474 16.89 17.97 -10.71
C PRO A 474 15.59 18.55 -11.26
N ASN A 475 14.59 18.65 -10.38
CA ASN A 475 13.30 19.24 -10.72
C ASN A 475 12.68 19.95 -9.53
N TYR A 476 11.42 20.35 -9.66
CA TYR A 476 10.71 20.96 -8.55
C TYR A 476 10.14 19.88 -7.65
N ALA A 477 9.47 18.91 -8.28
CA ALA A 477 8.66 17.90 -7.58
C ALA A 477 9.34 17.08 -6.48
N SER A 478 10.51 16.50 -6.76
CA SER A 478 11.10 15.59 -5.77
C SER A 478 11.53 16.32 -4.49
N GLY A 479 12.20 17.45 -4.63
CA GLY A 479 12.58 18.24 -3.47
C GLY A 479 11.34 18.70 -2.72
N SER A 480 10.36 19.19 -3.47
CA SER A 480 9.11 19.62 -2.88
C SER A 480 8.48 18.50 -2.03
N ILE A 481 8.32 17.33 -2.63
CA ILE A 481 7.61 16.24 -1.98
C ILE A 481 8.37 15.71 -0.76
N GLN A 482 9.65 15.48 -0.93
CA GLN A 482 10.44 14.94 0.17
C GLN A 482 10.46 15.89 1.37
N LYS A 483 10.52 17.19 1.09
CA LYS A 483 10.55 18.17 2.16
C LYS A 483 9.24 18.17 2.95
N TYR A 484 8.10 18.14 2.25
CA TYR A 484 6.80 18.04 2.93
C TYR A 484 6.75 16.78 3.78
N TYR A 485 7.15 15.66 3.20
CA TYR A 485 7.05 14.39 3.91
C TYR A 485 7.90 14.37 5.18
N ILE A 486 9.13 14.86 5.05
CA ILE A 486 10.03 14.89 6.18
C ILE A 486 9.58 15.93 7.21
N ASN A 487 9.11 17.08 6.72
CA ASN A 487 8.48 18.07 7.59
C ASN A 487 7.38 17.46 8.45
N PHE A 488 6.50 16.72 7.79
CA PHE A 488 5.39 16.02 8.42
C PHE A 488 5.85 15.01 9.48
N VAL A 489 6.78 14.14 9.11
CA VAL A 489 7.33 13.13 10.02
C VAL A 489 7.88 13.77 11.29
N THR A 490 8.47 14.95 11.11
CA THR A 490 9.08 15.71 12.18
C THR A 490 8.08 16.52 13.01
N THR A 491 7.12 17.20 12.38
CA THR A 491 6.26 18.15 13.10
C THR A 491 4.76 17.83 13.09
N GLY A 492 4.36 16.79 12.36
CA GLY A 492 2.95 16.48 12.21
C GLY A 492 2.21 17.43 11.28
N ASP A 493 2.95 18.19 10.49
CA ASP A 493 2.41 19.19 9.58
C ASP A 493 3.45 19.44 8.48
N PRO A 494 3.08 19.18 7.22
CA PRO A 494 4.06 19.24 6.13
C PRO A 494 4.59 20.65 5.87
N ASN A 495 3.86 21.69 6.30
CA ASN A 495 4.32 23.07 6.09
C ASN A 495 5.27 23.55 7.18
N LYS A 496 5.42 22.76 8.23
CA LYS A 496 6.16 23.19 9.40
C LYS A 496 7.47 22.43 9.55
N GLY A 497 8.55 23.17 9.64
CA GLY A 497 9.87 22.57 9.68
C GLY A 497 10.73 23.37 8.74
N ALA A 498 11.37 22.70 7.81
CA ALA A 498 12.17 23.39 6.81
C ALA A 498 11.25 24.31 6.00
N ALA A 499 11.77 25.46 5.61
CA ALA A 499 10.98 26.41 4.84
C ALA A 499 10.46 25.80 3.52
N VAL A 500 9.21 26.10 3.19
CA VAL A 500 8.63 25.67 1.92
C VAL A 500 8.23 26.90 1.09
N ASP A 501 8.12 26.76 -0.24
CA ASP A 501 7.80 27.94 -1.06
C ASP A 501 6.33 28.06 -1.46
N ILE A 502 5.53 27.07 -1.09
CA ILE A 502 4.09 27.23 -1.15
C ILE A 502 3.44 26.55 0.04
N GLN A 503 2.60 27.29 0.77
CA GLN A 503 1.77 26.69 1.80
C GLN A 503 0.81 25.67 1.19
N TRP A 504 0.87 24.45 1.70
CA TRP A 504 -0.04 23.40 1.32
C TRP A 504 -1.33 23.53 2.15
N PRO A 505 -2.45 23.84 1.49
CA PRO A 505 -3.72 24.04 2.21
C PRO A 505 -4.24 22.77 2.86
N GLN A 506 -4.90 22.91 3.99
CA GLN A 506 -5.53 21.79 4.63
C GLN A 506 -6.81 21.50 3.83
N TRP A 507 -7.08 20.23 3.56
CA TRP A 507 -8.15 19.86 2.65
C TRP A 507 -9.51 20.39 3.10
N SER A 508 -9.87 20.12 4.36
CA SER A 508 -11.20 20.47 4.86
C SER A 508 -11.51 21.98 4.81
N ALA A 509 -10.49 22.81 4.60
CA ALA A 509 -10.69 24.26 4.62
C ALA A 509 -11.54 24.78 3.45
N LYS A 510 -11.14 24.45 2.22
CA LYS A 510 -11.88 24.88 1.04
C LYS A 510 -11.99 23.74 0.06
N LYS A 511 -11.55 22.56 0.51
CA LYS A 511 -11.53 21.34 -0.30
C LYS A 511 -10.63 21.51 -1.51
N ASN A 512 -9.54 22.24 -1.29
CA ASN A 512 -8.47 22.39 -2.27
C ASN A 512 -7.37 21.39 -2.05
N ILE A 513 -6.67 21.06 -3.12
CA ILE A 513 -5.50 20.20 -3.05
C ILE A 513 -4.33 20.86 -3.77
N LEU A 514 -3.14 20.30 -3.55
CA LEU A 514 -1.94 20.77 -4.21
C LEU A 514 -1.75 19.94 -5.46
N GLN A 515 -1.60 20.58 -6.62
CA GLN A 515 -1.28 19.82 -7.82
C GLN A 515 0.20 20.00 -8.12
N ILE A 516 0.92 18.89 -8.14
CA ILE A 516 2.35 18.96 -8.31
C ILE A 516 2.81 18.53 -9.68
N TYR A 517 3.29 19.50 -10.45
CA TYR A 517 3.91 19.25 -11.76
C TYR A 517 5.42 19.08 -11.60
N ALA A 518 6.10 18.72 -12.69
CA ALA A 518 7.55 18.51 -12.67
C ALA A 518 8.37 19.74 -12.26
N THR A 519 7.92 20.92 -12.67
CA THR A 519 8.68 22.15 -12.42
C THR A 519 7.95 23.23 -11.60
N LYS A 520 6.78 22.88 -11.04
CA LYS A 520 5.98 23.86 -10.32
C LYS A 520 4.85 23.15 -9.59
N ALA A 521 4.18 23.89 -8.69
CA ALA A 521 2.99 23.40 -8.02
C ALA A 521 1.91 24.46 -8.09
N VAL A 522 0.66 24.04 -8.23
CA VAL A 522 -0.45 24.96 -8.14
C VAL A 522 -1.50 24.38 -7.21
N ILE A 523 -2.37 25.23 -6.70
CA ILE A 523 -3.49 24.79 -5.88
C ILE A 523 -4.79 24.74 -6.70
N VAL A 524 -5.49 23.60 -6.61
CA VAL A 524 -6.71 23.36 -7.39
C VAL A 524 -7.82 22.78 -6.53
N ALA A 525 -9.07 23.01 -6.96
CA ALA A 525 -10.23 22.46 -6.30
C ALA A 525 -10.34 20.95 -6.50
N ASP A 526 -10.57 20.23 -5.41
CA ASP A 526 -10.78 18.80 -5.47
C ASP A 526 -12.24 18.51 -5.84
N ASN A 527 -12.62 18.88 -7.07
CA ASN A 527 -14.01 18.76 -7.50
C ASN A 527 -14.16 18.36 -8.97
N PHE A 528 -13.06 18.00 -9.61
CA PHE A 528 -13.10 17.53 -10.99
C PHE A 528 -13.83 16.19 -11.03
N ARG A 529 -14.51 15.92 -12.15
CA ARG A 529 -15.34 14.73 -12.34
C ARG A 529 -16.38 14.56 -11.25
N ALA A 530 -16.95 15.69 -10.83
CA ALA A 530 -17.95 15.75 -9.76
C ALA A 530 -19.16 14.80 -9.88
N LYS A 531 -19.70 14.62 -11.08
CA LYS A 531 -20.86 13.75 -11.24
C LYS A 531 -20.51 12.29 -11.00
N SER A 532 -19.33 11.90 -11.48
CA SER A 532 -18.82 10.56 -11.21
C SER A 532 -18.62 10.38 -9.73
N TYR A 533 -18.02 11.38 -9.09
CA TYR A 533 -17.78 11.33 -7.64
C TYR A 533 -19.05 11.27 -6.80
N GLU A 534 -20.07 12.01 -7.20
CA GLU A 534 -21.33 12.05 -6.47
C GLU A 534 -21.98 10.68 -6.51
N TYR A 535 -21.93 10.03 -7.67
CA TYR A 535 -22.51 8.70 -7.76
C TYR A 535 -21.78 7.74 -6.84
N LEU A 536 -20.45 7.78 -6.91
CA LEU A 536 -19.60 6.91 -6.11
C LEU A 536 -19.89 7.07 -4.63
N TYR A 537 -19.83 8.32 -4.16
CA TYR A 537 -20.07 8.61 -2.75
C TYR A 537 -21.49 8.21 -2.32
N ASN A 538 -22.48 8.52 -3.14
CA ASN A 538 -23.85 8.22 -2.75
C ASN A 538 -24.20 6.72 -2.77
N ASN A 539 -23.36 5.92 -3.42
CA ASN A 539 -23.68 4.51 -3.61
C ASN A 539 -22.54 3.58 -3.28
N ILE A 540 -21.68 4.02 -2.37
CA ILE A 540 -20.43 3.34 -2.17
C ILE A 540 -20.59 1.88 -1.75
N GLY A 541 -21.63 1.58 -0.97
CA GLY A 541 -21.95 0.21 -0.61
C GLY A 541 -22.01 -0.78 -1.77
N ILE A 542 -22.51 -0.36 -2.93
CA ILE A 542 -22.64 -1.28 -4.06
C ILE A 542 -21.30 -1.62 -4.71
N PHE A 543 -20.26 -0.87 -4.34
CA PHE A 543 -18.93 -1.03 -4.95
C PHE A 543 -18.02 -1.95 -4.14
N ARG A 544 -18.61 -2.79 -3.28
CA ARG A 544 -17.80 -3.72 -2.49
C ARG A 544 -17.22 -4.82 -3.35
N ILE A 545 -15.89 -4.91 -3.35
CA ILE A 545 -15.15 -5.85 -4.19
C ILE A 545 -15.05 -7.23 -3.50
C1 NAG B . -13.06 -10.49 -23.11
C2 NAG B . -14.37 -11.17 -22.84
C3 NAG B . -14.20 -12.17 -21.74
C4 NAG B . -13.21 -13.21 -22.12
C5 NAG B . -11.88 -12.52 -22.63
C6 NAG B . -10.73 -13.52 -23.08
C7 NAG B . -16.12 -9.49 -23.40
C8 NAG B . -17.12 -8.49 -22.95
N2 NAG B . -15.34 -10.20 -22.43
O3 NAG B . -15.42 -12.78 -21.51
O4 NAG B . -12.95 -14.03 -21.07
O5 NAG B . -12.14 -11.40 -23.56
O6 NAG B . -10.60 -13.50 -24.45
O7 NAG B . -15.96 -9.70 -24.59
C1 NAG C . -24.24 -7.65 -0.46
C2 NAG C . -23.03 -8.12 0.28
C3 NAG C . -23.44 -9.00 1.42
C4 NAG C . -24.30 -8.25 2.36
C5 NAG C . -25.47 -7.54 1.59
C6 NAG C . -26.46 -6.69 2.49
C7 NAG C . -21.26 -8.19 -1.48
C8 NAG C . -20.39 -8.98 -2.38
N2 NAG C . -22.18 -8.86 -0.60
O3 NAG C . -22.32 -9.45 2.07
O4 NAG C . -24.80 -9.10 3.32
O5 NAG C . -25.02 -6.86 0.35
O6 NAG C . -25.97 -6.63 3.78
O7 NAG C . -21.19 -6.97 -1.48
C1 DIO D . 23.25 11.29 21.73
C2 DIO D . 24.13 11.19 19.64
C1' DIO D . 21.99 11.86 21.16
C2' DIO D . 22.88 11.80 19.08
O1 DIO D . 23.85 10.47 20.80
O1' DIO D . 22.28 12.61 20.03
C1 DIO E . -0.72 -8.72 19.58
C2 DIO E . -1.91 -7.69 17.94
C1' DIO E . 0.27 -9.21 18.56
C2' DIO E . -0.95 -8.18 16.91
O1 DIO E . -1.29 -7.51 19.17
O1' DIO E . -0.32 -9.35 17.32
C1 DIO F . 23.90 3.62 22.94
C2 DIO F . 24.19 2.90 20.81
C1' DIO F . 23.86 2.20 23.42
C2' DIO F . 24.23 1.50 21.32
O1 DIO F . 24.70 3.70 21.81
O1' DIO F . 23.38 1.42 22.40
C1 DIO G . 23.35 12.31 14.02
C2 DIO G . 21.44 12.34 15.26
C1' DIO G . 23.22 13.78 13.79
C2' DIO G . 21.34 13.81 15.04
O1 DIO G . 22.77 11.98 15.24
O1' DIO G . 21.89 14.12 13.80
C1 DIO H . -11.75 -1.81 -5.61
C2 DIO H . -12.83 -0.49 -7.06
C1' DIO H . -12.92 -1.72 -4.67
C2' DIO H . -13.98 -0.33 -6.12
O1 DIO H . -12.23 -1.72 -6.90
O1' DIO H . -13.58 -0.51 -4.81
C1 DIO I . -3.06 -1.92 -5.50
C2 DIO I . -4.38 -2.40 -7.23
C1' DIO I . -4.14 -2.31 -4.55
C2' DIO I . -5.51 -2.74 -6.30
O1 DIO I . -3.17 -2.69 -6.64
O1' DIO I . -5.37 -2.04 -5.11
O1 MES J . 10.58 9.46 -17.05
C2 MES J . 10.85 9.06 -15.71
C3 MES J . 10.03 9.90 -14.72
N4 MES J . 10.27 11.28 -15.08
C5 MES J . 10.12 11.75 -16.46
C6 MES J . 10.97 10.81 -17.30
C7 MES J . 10.19 12.27 -14.03
C8 MES J . 11.33 13.23 -14.37
S MES J . 10.87 14.74 -13.89
O1S MES J . 11.47 15.77 -14.79
O2S MES J . 11.32 14.94 -12.51
O3S MES J . 9.40 14.83 -13.94
C1 GOL K . 13.77 4.43 -13.47
O1 GOL K . 14.06 5.44 -14.40
C2 GOL K . 15.04 4.17 -12.66
O2 GOL K . 15.99 3.58 -13.52
C3 GOL K . 14.74 3.30 -11.44
O3 GOL K . 15.91 2.77 -10.84
C1 GOL L . -5.07 -15.80 -15.16
O1 GOL L . -5.68 -15.01 -16.17
C2 GOL L . -3.58 -15.53 -15.09
O2 GOL L . -2.89 -16.66 -14.62
C3 GOL L . -3.29 -14.39 -14.13
O3 GOL L . -1.91 -14.12 -14.06
C1 GOL M . -16.81 18.00 -13.02
O1 GOL M . -17.82 17.50 -13.90
C2 GOL M . -15.63 18.66 -13.73
O2 GOL M . -16.04 19.84 -14.38
C3 GOL M . -14.90 17.75 -14.72
O3 GOL M . -13.54 18.13 -14.84
C1 GOL N . 8.41 -7.95 25.10
O1 GOL N . 8.69 -7.00 26.10
C2 GOL N . 7.01 -8.55 25.26
O2 GOL N . 6.06 -7.53 25.46
C3 GOL N . 6.63 -9.38 24.03
O3 GOL N . 7.78 -9.91 23.42
C1 GOL O . 11.85 22.65 -3.06
O1 GOL O . 11.11 23.83 -3.26
C2 GOL O . 12.93 22.52 -4.14
O2 GOL O . 12.35 22.01 -5.32
C3 GOL O . 14.05 21.58 -3.69
O3 GOL O . 14.89 21.22 -4.77
C1 GOL P . 11.32 30.54 -0.86
O1 GOL P . 10.22 31.44 -0.94
C2 GOL P . 11.04 29.36 0.09
O2 GOL P . 10.58 29.83 1.34
C3 GOL P . 12.28 28.47 0.27
O3 GOL P . 12.12 27.19 -0.29
S SO4 Q . -21.67 3.18 -25.73
O1 SO4 Q . -21.70 4.08 -26.89
O2 SO4 Q . -22.41 3.80 -24.62
O3 SO4 Q . -20.27 2.93 -25.37
O4 SO4 Q . -22.30 1.90 -26.09
S SO4 R . -21.82 -2.85 -27.69
O1 SO4 R . -22.24 -1.62 -27.01
O2 SO4 R . -21.04 -3.69 -26.78
O3 SO4 R . -20.99 -2.53 -28.85
O4 SO4 R . -23.01 -3.59 -28.11
S SO4 S . 5.85 20.76 -16.01
O1 SO4 S . 4.85 21.44 -16.85
O2 SO4 S . 6.24 21.64 -14.91
O3 SO4 S . 7.02 20.44 -16.82
O4 SO4 S . 5.28 19.54 -15.48
#